data_5BU6
#
_entry.id   5BU6
#
_cell.length_a   47.947
_cell.length_b   77.785
_cell.length_c   76.861
_cell.angle_alpha   90.00
_cell.angle_beta   108.00
_cell.angle_gamma   90.00
#
_symmetry.space_group_name_H-M   'P 1 21 1'
#
loop_
_entity.id
_entity.type
_entity.pdbx_description
1 polymer 'BpsB (PgaB), Poly-beta-1,6-N-acetyl-D-glucosamine N-deacetylase'
2 non-polymer 'NICKEL (II) ION'
3 non-polymer 'THIOCYANATE ION'
4 non-polymer 1,2-ETHANEDIOL
5 water water
#
_entity_poly.entity_id   1
_entity_poly.type   'polypeptide(L)'
_entity_poly.pdbx_seq_one_letter_code
;GSHMPDPDDGLTFRVLSMHDVRDNLRASFADMPDQFAIETRTLTDLFEWIRVKGFNPISMQQIIDSRAGVRPLPPRPILL
TFDDGYASTYTKVFPLLAAFNYPAVVAVVTSWTDAPAGTKIRLSPKIEVPHDFFMTWAQLREMAQSGLVELASHSHNLHR
GVLANPQGNEQPAASSRQYLPASGRYENDAEYRARVRQDLKTSAHLIRHHTGVTIRSIVWPYGAHNRDTDQVAAEVGLNI
GLTLQPGPNTPDVALTQIRRSLVDYEVNVATVARAMR
;
_entity_poly.pdbx_strand_id   A,B
#
# COMPACT_ATOMS: atom_id res chain seq x y z
N PRO A 5 13.72 6.66 -11.23
CA PRO A 5 13.62 5.51 -10.33
C PRO A 5 14.81 5.38 -9.36
N ASP A 6 14.97 4.20 -8.75
CA ASP A 6 15.97 3.98 -7.70
C ASP A 6 17.39 4.33 -8.14
N PRO A 7 18.19 4.92 -7.23
CA PRO A 7 19.58 5.28 -7.53
C PRO A 7 20.45 4.02 -7.63
N ASP A 8 21.33 3.96 -8.62
CA ASP A 8 22.18 2.77 -8.79
C ASP A 8 23.54 2.99 -8.17
N ASP A 9 23.66 2.60 -6.91
CA ASP A 9 24.74 3.03 -6.04
C ASP A 9 25.44 1.84 -5.37
N GLY A 10 25.11 0.64 -5.82
CA GLY A 10 25.65 -0.58 -5.22
C GLY A 10 25.18 -0.85 -3.79
N LEU A 11 24.21 -0.08 -3.33
CA LEU A 11 23.68 -0.20 -1.95
C LEU A 11 22.16 -0.32 -1.84
N THR A 12 21.44 0.41 -2.70
CA THR A 12 19.98 0.47 -2.60
C THR A 12 19.39 -0.79 -3.22
N PHE A 13 18.48 -1.44 -2.50
CA PHE A 13 17.88 -2.67 -3.03
C PHE A 13 16.37 -2.75 -2.78
N ARG A 14 15.70 -3.56 -3.59
CA ARG A 14 14.29 -3.84 -3.38
C ARG A 14 14.12 -5.26 -2.81
N VAL A 15 13.01 -5.50 -2.12
CA VAL A 15 12.70 -6.83 -1.59
C VAL A 15 11.29 -7.20 -2.07
N LEU A 16 11.14 -8.43 -2.53
CA LEU A 16 9.89 -8.88 -3.11
C LEU A 16 9.45 -10.12 -2.34
N SER A 17 8.36 -10.00 -1.61
CA SER A 17 7.85 -11.12 -0.82
C SER A 17 6.76 -11.83 -1.62
N MET A 18 6.92 -13.13 -1.84
CA MET A 18 6.05 -13.87 -2.75
C MET A 18 5.10 -14.77 -1.99
N HIS A 19 3.83 -14.71 -2.34
CA HIS A 19 2.79 -15.45 -1.62
C HIS A 19 2.00 -16.28 -2.63
N ASP A 20 1.90 -17.58 -2.40
CA ASP A 20 1.12 -18.46 -3.26
C ASP A 20 -0.36 -18.22 -2.95
N VAL A 21 -1.12 -17.83 -3.97
CA VAL A 21 -2.52 -17.47 -3.78
C VAL A 21 -3.35 -18.65 -3.24
N ARG A 22 -2.91 -19.88 -3.52
CA ARG A 22 -3.64 -21.07 -3.06
C ARG A 22 -3.47 -21.31 -1.56
N ASP A 23 -2.63 -20.51 -0.92
CA ASP A 23 -2.50 -20.54 0.54
C ASP A 23 -3.18 -19.29 1.09
N ASN A 24 -4.48 -19.21 0.80
CA ASN A 24 -5.26 -17.97 0.87
C ASN A 24 -5.54 -17.40 2.25
N LEU A 25 -4.86 -17.90 3.28
CA LEU A 25 -5.11 -17.35 4.60
C LEU A 25 -4.48 -15.96 4.72
N ARG A 26 -5.31 -14.95 4.47
CA ARG A 26 -4.99 -13.57 4.81
C ARG A 26 -5.83 -13.23 6.04
N ALA A 27 -5.43 -12.19 6.78
CA ALA A 27 -6.01 -11.97 8.10
C ALA A 27 -6.86 -10.71 8.23
N SER A 28 -7.93 -10.82 9.00
CA SER A 28 -8.75 -9.68 9.37
C SER A 28 -7.94 -8.68 10.20
N PHE A 29 -7.47 -9.16 11.35
CA PHE A 29 -6.71 -8.34 12.29
C PHE A 29 -5.48 -7.66 11.69
N ALA A 30 -4.88 -8.30 10.69
CA ALA A 30 -3.70 -7.73 10.06
C ALA A 30 -4.10 -6.57 9.17
N ASP A 31 -3.17 -5.65 8.96
CA ASP A 31 -3.38 -4.52 8.06
C ASP A 31 -2.42 -4.65 6.88
N MET A 32 -2.76 -5.54 5.96
CA MET A 32 -1.87 -5.85 4.84
C MET A 32 -1.83 -4.70 3.84
N PRO A 33 -0.77 -4.66 3.02
CA PRO A 33 -0.71 -3.75 1.86
C PRO A 33 -1.75 -4.10 0.80
N ASP A 34 -2.24 -3.07 0.12
CA ASP A 34 -3.28 -3.20 -0.89
C ASP A 34 -2.89 -4.13 -2.05
N GLN A 35 -3.79 -5.05 -2.42
CA GLN A 35 -3.53 -5.99 -3.51
C GLN A 35 -4.50 -5.78 -4.67
N PHE A 36 -5.48 -4.91 -4.46
CA PHE A 36 -6.54 -4.71 -5.44
C PHE A 36 -5.98 -4.24 -6.78
N ALA A 37 -6.56 -4.75 -7.86
CA ALA A 37 -6.17 -4.37 -9.23
C ALA A 37 -4.71 -4.66 -9.55
N ILE A 38 -4.11 -5.56 -8.77
CA ILE A 38 -2.79 -6.12 -9.09
C ILE A 38 -2.97 -7.52 -9.67
N GLU A 39 -2.39 -7.74 -10.85
CA GLU A 39 -2.52 -9.01 -11.54
C GLU A 39 -1.70 -10.11 -10.87
N THR A 40 -2.31 -11.28 -10.72
CA THR A 40 -1.61 -12.46 -10.24
C THR A 40 -1.04 -13.22 -11.44
N ARG A 41 0.28 -13.36 -11.46
CA ARG A 41 0.96 -14.10 -12.53
C ARG A 41 1.44 -15.45 -12.00
N THR A 42 1.89 -16.33 -12.90
CA THR A 42 2.50 -17.59 -12.49
C THR A 42 3.92 -17.34 -12.01
N LEU A 43 4.44 -18.25 -11.18
CA LEU A 43 5.79 -18.10 -10.63
C LEU A 43 6.84 -18.08 -11.74
N THR A 44 6.67 -18.95 -12.74
CA THR A 44 7.62 -18.98 -13.83
C THR A 44 7.64 -17.65 -14.57
N ASP A 45 6.45 -17.12 -14.83
CA ASP A 45 6.32 -15.82 -15.48
C ASP A 45 6.95 -14.72 -14.62
N LEU A 46 6.80 -14.80 -13.30
CA LEU A 46 7.46 -13.83 -12.43
C LEU A 46 8.97 -13.89 -12.55
N PHE A 47 9.52 -15.10 -12.62
CA PHE A 47 10.97 -15.25 -12.73
C PHE A 47 11.46 -14.74 -14.08
N GLU A 48 10.62 -14.88 -15.11
CA GLU A 48 10.95 -14.35 -16.43
C GLU A 48 10.85 -12.83 -16.48
N TRP A 49 9.88 -12.24 -15.78
CA TRP A 49 9.77 -10.78 -15.69
C TRP A 49 11.03 -10.21 -15.03
N ILE A 50 11.42 -10.83 -13.92
CA ILE A 50 12.60 -10.41 -13.17
C ILE A 50 13.80 -10.35 -14.11
N ARG A 51 14.02 -11.43 -14.84
CA ARG A 51 15.12 -11.55 -15.78
C ARG A 51 15.06 -10.48 -16.87
N VAL A 52 13.94 -10.40 -17.59
CA VAL A 52 13.85 -9.53 -18.74
C VAL A 52 13.93 -8.04 -18.37
N LYS A 53 13.47 -7.66 -17.18
CA LYS A 53 13.51 -6.26 -16.73
C LYS A 53 14.89 -5.89 -16.20
N GLY A 54 15.79 -6.85 -16.18
CA GLY A 54 17.15 -6.59 -15.77
C GLY A 54 17.41 -6.61 -14.28
N PHE A 55 16.50 -7.17 -13.48
CA PHE A 55 16.74 -7.23 -12.05
C PHE A 55 17.81 -8.26 -11.79
N ASN A 56 18.57 -8.06 -10.73
CA ASN A 56 19.59 -9.02 -10.29
C ASN A 56 19.30 -9.51 -8.88
N PRO A 57 18.67 -10.68 -8.76
CA PRO A 57 18.40 -11.21 -7.42
C PRO A 57 19.69 -11.44 -6.62
N ILE A 58 19.66 -10.98 -5.37
CA ILE A 58 20.82 -11.04 -4.45
C ILE A 58 20.48 -11.90 -3.22
N SER A 59 21.51 -12.30 -2.47
CA SER A 59 21.28 -13.01 -1.21
C SER A 59 21.32 -12.03 -0.03
N MET A 60 20.88 -12.48 1.13
CA MET A 60 21.05 -11.66 2.34
C MET A 60 22.53 -11.45 2.68
N GLN A 61 23.36 -12.45 2.41
CA GLN A 61 24.79 -12.30 2.62
C GLN A 61 25.35 -11.14 1.77
N GLN A 62 24.84 -11.01 0.55
CA GLN A 62 25.27 -9.93 -0.32
C GLN A 62 24.84 -8.57 0.24
N ILE A 63 23.65 -8.50 0.82
CA ILE A 63 23.20 -7.25 1.44
C ILE A 63 24.16 -6.87 2.59
N ILE A 64 24.42 -7.83 3.46
CA ILE A 64 25.29 -7.60 4.60
C ILE A 64 26.67 -7.14 4.16
N ASP A 65 27.20 -7.77 3.13
CA ASP A 65 28.52 -7.43 2.58
C ASP A 65 28.55 -6.04 1.96
N SER A 66 27.46 -5.62 1.32
CA SER A 66 27.46 -4.28 0.71
C SER A 66 27.44 -3.22 1.78
N ARG A 67 26.72 -3.48 2.87
CA ARG A 67 26.63 -2.52 3.97
C ARG A 67 27.98 -2.39 4.68
N ALA A 68 28.67 -3.51 4.83
CA ALA A 68 30.01 -3.51 5.44
C ALA A 68 31.07 -2.94 4.50
N GLY A 69 30.67 -2.66 3.25
CA GLY A 69 31.54 -2.00 2.28
C GLY A 69 32.60 -2.90 1.66
N VAL A 70 32.33 -4.20 1.67
CA VAL A 70 33.24 -5.21 1.14
C VAL A 70 33.01 -5.46 -0.36
N ARG A 71 31.74 -5.57 -0.74
CA ARG A 71 31.35 -5.82 -2.13
C ARG A 71 30.04 -5.11 -2.41
N PRO A 72 30.03 -4.19 -3.39
CA PRO A 72 28.78 -3.55 -3.77
C PRO A 72 27.76 -4.52 -4.40
N LEU A 73 26.49 -4.20 -4.26
CA LEU A 73 25.41 -4.92 -4.94
C LEU A 73 25.48 -4.75 -6.46
N PRO A 74 25.00 -5.73 -7.23
CA PRO A 74 24.88 -5.47 -8.68
C PRO A 74 23.78 -4.47 -8.97
N PRO A 75 23.69 -3.96 -10.22
CA PRO A 75 22.58 -3.05 -10.56
C PRO A 75 21.21 -3.71 -10.42
N ARG A 76 20.19 -2.88 -10.18
CA ARG A 76 18.81 -3.33 -9.95
C ARG A 76 18.71 -4.55 -9.05
N PRO A 77 19.29 -4.47 -7.84
CA PRO A 77 19.35 -5.64 -6.96
C PRO A 77 18.02 -5.90 -6.32
N ILE A 78 17.63 -7.17 -6.24
CA ILE A 78 16.37 -7.51 -5.58
C ILE A 78 16.54 -8.75 -4.71
N LEU A 79 15.91 -8.74 -3.54
CA LEU A 79 15.89 -9.86 -2.61
C LEU A 79 14.53 -10.55 -2.74
N LEU A 80 14.54 -11.85 -3.05
CA LEU A 80 13.29 -12.62 -3.14
C LEU A 80 13.08 -13.36 -1.82
N THR A 81 11.87 -13.29 -1.28
CA THR A 81 11.57 -13.98 -0.03
C THR A 81 10.28 -14.80 -0.16
N PHE A 82 10.28 -15.97 0.46
CA PHE A 82 9.18 -16.92 0.45
C PHE A 82 8.89 -17.37 1.89
N ASP A 83 7.82 -16.88 2.49
CA ASP A 83 7.57 -17.21 3.91
C ASP A 83 6.47 -18.27 4.07
N ASP A 84 6.44 -18.87 5.27
CA ASP A 84 5.35 -19.72 5.81
C ASP A 84 5.71 -21.19 5.71
N GLY A 85 6.65 -21.54 4.83
CA GLY A 85 7.20 -22.87 4.82
C GLY A 85 6.27 -23.97 4.32
N TYR A 86 5.32 -23.61 3.46
CA TYR A 86 4.48 -24.63 2.84
C TYR A 86 5.28 -25.56 1.92
N ALA A 87 4.73 -26.75 1.61
CA ALA A 87 5.45 -27.78 0.87
C ALA A 87 5.87 -27.34 -0.52
N SER A 88 5.05 -26.51 -1.17
CA SER A 88 5.32 -26.10 -2.53
C SER A 88 6.59 -25.23 -2.62
N THR A 89 7.01 -24.66 -1.50
CA THR A 89 8.29 -23.94 -1.46
C THR A 89 9.42 -24.87 -1.88
N TYR A 90 9.33 -26.14 -1.52
CA TYR A 90 10.38 -27.09 -1.85
C TYR A 90 10.19 -27.73 -3.22
N THR A 91 8.96 -28.11 -3.55
CA THR A 91 8.76 -28.85 -4.78
C THR A 91 8.61 -27.95 -5.99
N LYS A 92 8.21 -26.69 -5.78
CA LYS A 92 7.99 -25.83 -6.95
C LYS A 92 8.94 -24.63 -7.02
N VAL A 93 9.14 -23.95 -5.91
CA VAL A 93 9.96 -22.74 -5.91
C VAL A 93 11.44 -23.09 -5.99
N PHE A 94 11.87 -24.02 -5.15
CA PHE A 94 13.28 -24.42 -5.06
C PHE A 94 13.90 -24.80 -6.42
N PRO A 95 13.23 -25.67 -7.22
CA PRO A 95 13.87 -26.00 -8.51
C PRO A 95 13.86 -24.84 -9.50
N LEU A 96 12.97 -23.87 -9.34
CA LEU A 96 13.03 -22.69 -10.18
C LEU A 96 14.20 -21.80 -9.74
N LEU A 97 14.40 -21.67 -8.43
CA LEU A 97 15.55 -20.93 -7.94
C LEU A 97 16.83 -21.52 -8.51
N ALA A 98 16.92 -22.84 -8.50
CA ALA A 98 18.09 -23.54 -9.05
C ALA A 98 18.26 -23.29 -10.54
N ALA A 99 17.16 -23.40 -11.28
CA ALA A 99 17.20 -23.25 -12.73
C ALA A 99 17.60 -21.85 -13.17
N PHE A 100 17.16 -20.83 -12.44
CA PHE A 100 17.52 -19.44 -12.76
C PHE A 100 18.78 -19.00 -12.04
N ASN A 101 19.26 -19.83 -11.12
CA ASN A 101 20.36 -19.52 -10.21
C ASN A 101 20.11 -18.26 -9.38
N TYR A 102 18.90 -18.11 -8.88
CA TYR A 102 18.55 -17.00 -8.00
C TYR A 102 18.59 -17.41 -6.53
N PRO A 103 19.24 -16.60 -5.68
CA PRO A 103 19.09 -16.84 -4.23
C PRO A 103 17.73 -16.41 -3.72
N ALA A 104 17.38 -16.85 -2.52
CA ALA A 104 16.15 -16.44 -1.86
C ALA A 104 16.26 -16.56 -0.34
N VAL A 105 15.35 -15.90 0.37
CA VAL A 105 15.15 -16.10 1.80
C VAL A 105 13.89 -16.97 1.99
N VAL A 106 13.97 -17.98 2.83
CA VAL A 106 12.78 -18.75 3.21
C VAL A 106 12.57 -18.56 4.71
N ALA A 107 11.41 -18.06 5.11
CA ALA A 107 11.15 -17.76 6.52
C ALA A 107 10.17 -18.79 7.07
N VAL A 108 10.59 -19.43 8.16
CA VAL A 108 9.93 -20.60 8.73
C VAL A 108 9.11 -20.25 9.96
N VAL A 109 7.83 -20.62 10.02
CA VAL A 109 7.09 -20.51 11.28
C VAL A 109 7.34 -21.80 12.03
N THR A 110 8.14 -21.76 13.08
CA THR A 110 8.69 -23.03 13.55
C THR A 110 7.66 -23.86 14.34
N SER A 111 6.60 -23.25 14.86
CA SER A 111 5.60 -24.07 15.53
C SER A 111 4.77 -24.87 14.50
N TRP A 112 4.83 -24.47 13.24
CA TRP A 112 4.16 -25.18 12.16
C TRP A 112 5.03 -26.30 11.62
N THR A 113 6.24 -25.93 11.21
CA THR A 113 7.24 -26.87 10.75
C THR A 113 7.55 -27.92 11.82
N ASP A 114 7.62 -27.49 13.08
CA ASP A 114 7.97 -28.40 14.16
C ASP A 114 6.75 -28.94 14.92
N ALA A 115 5.57 -28.90 14.33
CA ALA A 115 4.41 -29.41 15.05
C ALA A 115 4.56 -30.90 15.36
N PRO A 116 4.00 -31.33 16.49
CA PRO A 116 4.05 -32.74 16.89
C PRO A 116 3.56 -33.67 15.78
N ALA A 117 4.17 -34.83 15.61
CA ALA A 117 3.77 -35.78 14.57
C ALA A 117 2.30 -36.16 14.71
N GLY A 118 1.62 -36.26 13.57
CA GLY A 118 0.22 -36.65 13.56
C GLY A 118 -0.77 -35.57 13.98
N THR A 119 -0.31 -34.37 14.32
CA THR A 119 -1.26 -33.35 14.72
C THR A 119 -1.46 -32.29 13.63
N LYS A 120 -2.62 -31.66 13.64
CA LYS A 120 -2.97 -30.64 12.67
C LYS A 120 -2.51 -29.28 13.18
N ILE A 121 -2.18 -28.40 12.25
CA ILE A 121 -1.76 -27.05 12.60
C ILE A 121 -3.00 -26.17 12.60
N ARG A 122 -3.28 -25.51 13.72
CA ARG A 122 -4.36 -24.53 13.74
C ARG A 122 -3.87 -23.19 13.23
N LEU A 123 -4.51 -22.70 12.18
CA LEU A 123 -4.14 -21.42 11.57
C LEU A 123 -5.02 -20.31 12.11
N SER A 124 -6.32 -20.55 12.12
CA SER A 124 -7.29 -19.59 12.62
C SER A 124 -8.27 -20.35 13.50
N PRO A 125 -9.07 -19.64 14.31
CA PRO A 125 -10.09 -20.27 15.14
C PRO A 125 -10.98 -21.28 14.42
N LYS A 126 -11.18 -21.10 13.11
CA LYS A 126 -12.04 -22.01 12.35
C LYS A 126 -11.29 -22.76 11.24
N ILE A 127 -9.96 -22.75 11.27
CA ILE A 127 -9.19 -23.41 10.23
C ILE A 127 -7.96 -24.19 10.75
N GLU A 128 -7.97 -25.50 10.52
CA GLU A 128 -6.83 -26.38 10.80
C GLU A 128 -6.32 -27.02 9.51
N VAL A 129 -5.01 -27.23 9.41
CA VAL A 129 -4.47 -27.91 8.23
C VAL A 129 -3.56 -29.08 8.61
N PRO A 130 -3.48 -30.07 7.70
CA PRO A 130 -2.61 -31.22 7.93
C PRO A 130 -1.16 -30.86 8.12
N HIS A 131 -0.50 -31.59 9.02
CA HIS A 131 0.94 -31.47 9.26
C HIS A 131 1.74 -31.51 7.94
N ASP A 132 1.35 -32.35 6.99
CA ASP A 132 2.17 -32.52 5.79
C ASP A 132 1.89 -31.47 4.71
N PHE A 133 1.13 -30.43 5.04
CA PHE A 133 1.06 -29.26 4.15
C PHE A 133 2.36 -28.47 4.16
N PHE A 134 3.19 -28.71 5.17
CA PHE A 134 4.44 -27.96 5.32
C PHE A 134 5.69 -28.77 4.95
N MET A 135 6.70 -28.07 4.45
CA MET A 135 8.04 -28.62 4.23
C MET A 135 8.57 -29.30 5.47
N THR A 136 9.31 -30.38 5.27
CA THR A 136 9.95 -31.04 6.40
C THR A 136 11.26 -30.36 6.75
N TRP A 137 11.78 -30.66 7.93
CA TRP A 137 13.06 -30.12 8.34
C TRP A 137 14.16 -30.57 7.39
N ALA A 138 14.07 -31.83 6.94
CA ALA A 138 15.07 -32.38 6.02
C ALA A 138 15.07 -31.59 4.72
N GLN A 139 13.88 -31.27 4.23
CA GLN A 139 13.76 -30.44 3.04
C GLN A 139 14.36 -29.03 3.24
N LEU A 140 14.07 -28.40 4.37
CA LEU A 140 14.66 -27.09 4.66
C LEU A 140 16.18 -27.13 4.74
N ARG A 141 16.71 -28.18 5.37
CA ARG A 141 18.15 -28.32 5.49
C ARG A 141 18.77 -28.48 4.11
N GLU A 142 18.11 -29.21 3.22
CA GLU A 142 18.63 -29.37 1.87
C GLU A 142 18.72 -28.04 1.12
N MET A 143 17.69 -27.20 1.27
CA MET A 143 17.69 -25.89 0.64
C MET A 143 18.81 -25.02 1.18
N ALA A 144 18.95 -25.04 2.50
CA ALA A 144 20.02 -24.31 3.16
C ALA A 144 21.37 -24.78 2.65
N GLN A 145 21.52 -26.08 2.45
CA GLN A 145 22.82 -26.60 2.03
C GLN A 145 23.10 -26.40 0.54
N SER A 146 22.09 -25.99 -0.22
CA SER A 146 22.25 -25.76 -1.66
C SER A 146 23.08 -24.50 -1.96
N GLY A 147 23.19 -23.61 -0.97
CA GLY A 147 23.89 -22.35 -1.16
C GLY A 147 22.97 -21.24 -1.66
N LEU A 148 21.77 -21.60 -2.11
CA LEU A 148 20.88 -20.62 -2.72
C LEU A 148 19.94 -19.99 -1.72
N VAL A 149 19.74 -20.62 -0.56
CA VAL A 149 18.63 -20.23 0.30
C VAL A 149 19.11 -19.83 1.70
N GLU A 150 18.69 -18.66 2.15
CA GLU A 150 18.94 -18.19 3.53
C GLU A 150 17.69 -18.50 4.34
N LEU A 151 17.86 -19.19 5.45
CA LEU A 151 16.72 -19.47 6.33
C LEU A 151 16.57 -18.33 7.32
N ALA A 152 15.32 -17.96 7.56
CA ALA A 152 14.99 -16.90 8.49
C ALA A 152 13.88 -17.38 9.41
N SER A 153 13.72 -16.70 10.54
CA SER A 153 12.56 -16.93 11.40
C SER A 153 11.34 -16.19 10.85
N HIS A 154 10.20 -16.87 10.82
CA HIS A 154 8.90 -16.23 10.64
C HIS A 154 8.14 -16.29 11.96
N SER A 155 8.91 -16.27 13.06
CA SER A 155 8.49 -16.45 14.47
C SER A 155 8.28 -17.95 14.78
N HIS A 156 8.13 -18.26 16.06
CA HIS A 156 7.73 -19.61 16.47
C HIS A 156 6.22 -19.69 16.41
N ASN A 157 5.54 -18.90 17.22
CA ASN A 157 4.07 -18.92 17.25
C ASN A 157 3.48 -17.52 17.29
N LEU A 158 4.00 -16.61 16.47
CA LEU A 158 3.41 -15.27 16.42
C LEU A 158 2.65 -15.05 15.13
N HIS A 159 2.50 -16.10 14.33
CA HIS A 159 1.84 -15.96 13.03
C HIS A 159 0.34 -16.20 13.19
N ARG A 160 -0.29 -15.41 14.07
CA ARG A 160 -1.70 -15.59 14.37
C ARG A 160 -2.22 -14.37 15.10
N GLY A 161 -3.52 -14.33 15.28
CA GLY A 161 -4.15 -13.26 16.02
C GLY A 161 -4.32 -13.64 17.48
N VAL A 162 -4.27 -12.64 18.35
CA VAL A 162 -4.55 -12.82 19.77
C VAL A 162 -5.57 -11.80 20.21
N LEU A 163 -6.12 -11.99 21.40
CA LEU A 163 -7.14 -11.07 21.90
C LEU A 163 -6.56 -9.72 22.26
N ALA A 164 -7.07 -8.69 21.59
CA ALA A 164 -6.70 -7.31 21.87
C ALA A 164 -7.57 -6.64 22.94
N ASN A 165 -8.81 -7.10 23.09
CA ASN A 165 -9.74 -6.54 24.05
C ASN A 165 -10.73 -7.60 24.58
N PRO A 166 -11.45 -7.30 25.67
CA PRO A 166 -12.34 -8.30 26.25
C PRO A 166 -13.39 -8.87 25.29
N GLN A 167 -13.91 -8.08 24.36
CA GLN A 167 -15.02 -8.56 23.51
C GLN A 167 -14.58 -9.66 22.55
N GLY A 168 -13.52 -9.41 21.79
CA GLY A 168 -13.01 -10.44 20.89
C GLY A 168 -12.28 -9.94 19.66
N ASN A 169 -12.05 -8.63 19.58
CA ASN A 169 -11.30 -8.07 18.45
C ASN A 169 -9.86 -8.57 18.50
N GLU A 170 -9.36 -9.03 17.36
CA GLU A 170 -8.03 -9.62 17.31
C GLU A 170 -6.98 -8.66 16.75
N GLN A 171 -5.74 -8.87 17.15
CA GLN A 171 -4.61 -8.12 16.62
C GLN A 171 -3.45 -9.10 16.43
N PRO A 172 -2.41 -8.70 15.68
CA PRO A 172 -1.27 -9.61 15.52
C PRO A 172 -0.63 -9.98 16.87
N ALA A 173 -0.20 -11.23 17.01
CA ALA A 173 0.36 -11.74 18.27
C ALA A 173 1.61 -11.01 18.74
N ALA A 174 2.40 -10.50 17.79
CA ALA A 174 3.68 -9.89 18.17
C ALA A 174 3.56 -8.44 18.59
N SER A 175 2.51 -7.78 18.11
CA SER A 175 2.41 -6.33 18.28
C SER A 175 1.69 -5.96 19.56
N SER A 176 0.59 -6.64 19.84
CA SER A 176 -0.29 -6.23 20.90
C SER A 176 0.07 -6.81 22.25
N ARG A 177 -0.11 -6.02 23.31
CA ARG A 177 -0.17 -6.57 24.64
C ARG A 177 -1.51 -7.29 24.76
N GLN A 178 -1.47 -8.62 24.87
CA GLN A 178 -2.67 -9.41 24.77
C GLN A 178 -3.49 -9.43 26.07
N TYR A 179 -4.80 -9.52 25.90
CA TYR A 179 -5.73 -9.57 27.02
C TYR A 179 -5.84 -11.01 27.55
N LEU A 180 -5.66 -11.18 28.86
CA LEU A 180 -5.67 -12.52 29.48
C LEU A 180 -6.94 -12.78 30.27
N PRO A 181 -7.83 -13.61 29.71
CA PRO A 181 -9.11 -13.97 30.33
C PRO A 181 -8.95 -14.65 31.70
N ALA A 182 -7.87 -15.43 31.86
CA ALA A 182 -7.61 -16.14 33.10
C ALA A 182 -7.14 -15.20 34.19
N SER A 183 -6.31 -14.23 33.81
CA SER A 183 -5.78 -13.24 34.74
C SER A 183 -6.81 -12.13 34.99
N GLY A 184 -7.65 -11.89 33.99
CA GLY A 184 -8.60 -10.79 34.03
C GLY A 184 -7.90 -9.47 33.75
N ARG A 185 -6.83 -9.54 32.97
CA ARG A 185 -5.99 -8.36 32.73
C ARG A 185 -5.18 -8.45 31.43
N TYR A 186 -4.61 -7.33 31.00
CA TYR A 186 -3.67 -7.33 29.87
C TYR A 186 -2.30 -7.81 30.35
N GLU A 187 -1.50 -8.36 29.44
CA GLU A 187 -0.08 -8.55 29.69
C GLU A 187 0.59 -7.23 30.04
N ASN A 188 1.46 -7.22 31.04
CA ASN A 188 2.27 -6.05 31.29
C ASN A 188 3.48 -6.06 30.37
N ASP A 189 4.29 -4.99 30.43
CA ASP A 189 5.41 -4.83 29.53
C ASP A 189 6.46 -5.95 29.69
N ALA A 190 6.76 -6.31 30.92
CA ALA A 190 7.70 -7.40 31.19
C ALA A 190 7.19 -8.73 30.63
N GLU A 191 5.92 -9.06 30.91
CA GLU A 191 5.32 -10.28 30.38
C GLU A 191 5.32 -10.31 28.86
N TYR A 192 4.94 -9.19 28.26
CA TYR A 192 4.90 -9.07 26.80
C TYR A 192 6.27 -9.27 26.17
N ARG A 193 7.27 -8.57 26.68
CA ARG A 193 8.64 -8.70 26.18
C ARG A 193 9.12 -10.14 26.29
N ALA A 194 8.88 -10.74 27.45
CA ALA A 194 9.26 -12.13 27.71
C ALA A 194 8.65 -13.10 26.70
N ARG A 195 7.35 -12.95 26.44
CA ARG A 195 6.69 -13.83 25.47
C ARG A 195 7.32 -13.70 24.09
N VAL A 196 7.49 -12.47 23.60
CA VAL A 196 8.08 -12.30 22.28
C VAL A 196 9.54 -12.78 22.25
N ARG A 197 10.31 -12.48 23.29
CA ARG A 197 11.69 -12.96 23.35
C ARG A 197 11.82 -14.48 23.28
N GLN A 198 11.08 -15.18 24.13
CA GLN A 198 11.10 -16.64 24.15
C GLN A 198 10.67 -17.21 22.81
N ASP A 199 9.67 -16.60 22.19
CA ASP A 199 9.25 -17.01 20.85
C ASP A 199 10.40 -16.95 19.84
N LEU A 200 11.07 -15.80 19.76
CA LEU A 200 12.14 -15.67 18.77
C LEU A 200 13.30 -16.62 19.09
N LYS A 201 13.64 -16.72 20.37
CA LYS A 201 14.72 -17.59 20.81
C LYS A 201 14.42 -19.05 20.44
N THR A 202 13.19 -19.49 20.72
CA THR A 202 12.77 -20.82 20.34
C THR A 202 12.89 -21.08 18.83
N SER A 203 12.42 -20.14 17.99
CA SER A 203 12.49 -20.38 16.55
C SER A 203 13.94 -20.48 16.07
N ALA A 204 14.84 -19.66 16.61
CA ALA A 204 16.25 -19.75 16.23
C ALA A 204 16.89 -21.07 16.71
N HIS A 205 16.56 -21.50 17.92
CA HIS A 205 17.08 -22.77 18.40
C HIS A 205 16.56 -23.94 17.55
N LEU A 206 15.27 -23.96 17.25
CA LEU A 206 14.71 -25.06 16.48
C LEU A 206 15.36 -25.15 15.09
N ILE A 207 15.55 -23.99 14.46
CA ILE A 207 16.17 -23.98 13.14
C ILE A 207 17.60 -24.48 13.17
N ARG A 208 18.39 -23.96 14.12
CA ARG A 208 19.74 -24.49 14.26
C ARG A 208 19.78 -25.97 14.59
N HIS A 209 18.92 -26.44 15.50
CA HIS A 209 18.95 -27.84 15.90
C HIS A 209 18.71 -28.77 14.71
N HIS A 210 17.72 -28.43 13.90
CA HIS A 210 17.27 -29.28 12.78
C HIS A 210 17.95 -29.07 11.45
N THR A 211 18.54 -27.90 11.22
CA THR A 211 19.16 -27.64 9.91
C THR A 211 20.65 -27.31 10.01
N GLY A 212 21.12 -26.93 11.20
CA GLY A 212 22.53 -26.57 11.37
C GLY A 212 22.78 -25.09 11.13
N VAL A 213 21.73 -24.39 10.72
CA VAL A 213 21.79 -22.98 10.36
C VAL A 213 21.60 -22.05 11.56
N THR A 214 22.51 -21.10 11.74
CA THR A 214 22.33 -20.02 12.71
C THR A 214 21.66 -18.84 12.02
N ILE A 215 20.40 -18.57 12.31
CA ILE A 215 19.69 -17.53 11.58
C ILE A 215 20.12 -16.17 12.12
N ARG A 216 19.86 -15.13 11.34
CA ARG A 216 20.22 -13.78 11.76
C ARG A 216 19.15 -12.78 11.38
N SER A 217 18.00 -13.28 10.93
CA SER A 217 16.95 -12.38 10.48
C SER A 217 15.56 -12.88 10.90
N ILE A 218 14.64 -11.93 11.07
CA ILE A 218 13.23 -12.21 11.37
C ILE A 218 12.35 -11.53 10.35
N VAL A 219 11.43 -12.30 9.78
CA VAL A 219 10.40 -11.73 8.92
C VAL A 219 9.14 -11.66 9.77
N TRP A 220 8.71 -10.45 10.12
CA TRP A 220 7.62 -10.28 11.05
C TRP A 220 6.29 -10.69 10.38
N PRO A 221 5.56 -11.64 10.98
CA PRO A 221 4.21 -11.93 10.46
C PRO A 221 3.36 -10.68 10.38
N TYR A 222 2.63 -10.54 9.27
CA TYR A 222 1.72 -9.44 9.05
C TYR A 222 2.44 -8.08 9.10
N GLY A 223 3.76 -8.09 9.01
CA GLY A 223 4.55 -6.87 9.15
C GLY A 223 4.42 -6.21 10.52
N ALA A 224 3.98 -6.98 11.51
CA ALA A 224 3.67 -6.41 12.82
C ALA A 224 4.87 -6.41 13.76
N HIS A 225 5.32 -5.22 14.13
CA HIS A 225 6.47 -5.08 15.01
C HIS A 225 6.44 -3.68 15.58
N ASN A 226 7.23 -3.46 16.64
CA ASN A 226 7.31 -2.14 17.25
C ASN A 226 8.64 -1.98 17.95
N ARG A 227 8.77 -0.91 18.70
CA ARG A 227 9.99 -0.62 19.44
C ARG A 227 10.41 -1.79 20.33
N ASP A 228 9.44 -2.33 21.06
CA ASP A 228 9.72 -3.42 21.99
C ASP A 228 10.16 -4.70 21.28
N THR A 229 9.50 -5.05 20.17
CA THR A 229 9.87 -6.28 19.49
C THR A 229 11.22 -6.14 18.80
N ASP A 230 11.56 -4.94 18.33
CA ASP A 230 12.85 -4.75 17.67
C ASP A 230 13.98 -4.87 18.68
N GLN A 231 13.74 -4.36 19.88
CA GLN A 231 14.74 -4.42 20.95
C GLN A 231 14.96 -5.86 21.39
N VAL A 232 13.88 -6.60 21.52
CA VAL A 232 13.93 -7.98 21.92
C VAL A 232 14.57 -8.86 20.84
N ALA A 233 14.27 -8.59 19.58
CA ALA A 233 14.92 -9.32 18.47
C ALA A 233 16.44 -9.11 18.54
N ALA A 234 16.85 -7.89 18.83
CA ALA A 234 18.27 -7.57 18.98
C ALA A 234 18.93 -8.36 20.11
N GLU A 235 18.20 -8.55 21.21
CA GLU A 235 18.72 -9.29 22.35
C GLU A 235 18.99 -10.74 22.00
N VAL A 236 18.17 -11.32 21.13
CA VAL A 236 18.40 -12.73 20.77
C VAL A 236 19.27 -12.86 19.52
N GLY A 237 19.81 -11.73 19.05
CA GLY A 237 20.76 -11.75 17.93
C GLY A 237 20.17 -11.71 16.52
N LEU A 238 18.92 -11.28 16.42
CA LEU A 238 18.29 -11.16 15.11
C LEU A 238 18.26 -9.71 14.69
N ASN A 239 19.40 -9.20 14.23
CA ASN A 239 19.55 -7.77 13.90
C ASN A 239 19.12 -7.40 12.47
N ILE A 240 18.55 -8.35 11.76
CA ILE A 240 18.01 -8.08 10.44
C ILE A 240 16.51 -8.34 10.50
N GLY A 241 15.70 -7.34 10.18
CA GLY A 241 14.26 -7.52 10.28
C GLY A 241 13.56 -7.07 9.03
N LEU A 242 12.54 -7.81 8.62
CA LEU A 242 11.81 -7.48 7.41
C LEU A 242 10.36 -7.13 7.72
N THR A 243 9.95 -5.96 7.24
CA THR A 243 8.67 -5.35 7.54
C THR A 243 7.77 -5.46 6.31
N LEU A 244 6.58 -4.88 6.38
CA LEU A 244 5.71 -4.78 5.19
C LEU A 244 5.55 -3.34 4.71
N GLN A 245 6.40 -2.46 5.20
CA GLN A 245 6.48 -1.11 4.66
C GLN A 245 7.10 -1.23 3.28
N PRO A 246 6.47 -0.63 2.25
CA PRO A 246 7.08 -0.73 0.92
C PRO A 246 8.07 0.41 0.67
N GLY A 247 8.88 0.29 -0.37
CA GLY A 247 9.77 1.36 -0.72
C GLY A 247 11.16 0.84 -0.95
N PRO A 248 12.05 1.71 -1.45
CA PRO A 248 13.42 1.29 -1.68
C PRO A 248 14.16 1.21 -0.36
N ASN A 249 15.06 0.24 -0.24
CA ASN A 249 15.94 0.21 0.92
C ASN A 249 17.20 0.99 0.60
N THR A 250 17.12 2.29 0.85
CA THR A 250 18.23 3.18 0.60
C THR A 250 19.21 3.04 1.76
N PRO A 251 20.44 3.59 1.63
CA PRO A 251 21.43 3.40 2.69
C PRO A 251 21.03 3.89 4.08
N ASP A 252 20.11 4.84 4.18
CA ASP A 252 19.67 5.34 5.49
C ASP A 252 18.66 4.41 6.20
N VAL A 253 18.14 3.42 5.48
CA VAL A 253 17.24 2.43 6.09
C VAL A 253 18.04 1.39 6.86
N ALA A 254 17.81 1.28 8.17
CA ALA A 254 18.49 0.25 8.97
C ALA A 254 18.07 -1.14 8.54
N LEU A 255 18.97 -2.12 8.66
CA LEU A 255 18.62 -3.48 8.26
C LEU A 255 17.60 -4.11 9.21
N THR A 256 17.31 -3.44 10.31
CA THR A 256 16.26 -3.89 11.22
C THR A 256 14.88 -3.51 10.69
N GLN A 257 14.83 -2.62 9.71
CA GLN A 257 13.57 -2.08 9.20
C GLN A 257 13.43 -2.23 7.69
N ILE A 258 13.87 -3.37 7.17
CA ILE A 258 13.87 -3.60 5.73
C ILE A 258 12.45 -3.56 5.12
N ARG A 259 12.33 -2.80 4.04
CA ARG A 259 11.08 -2.60 3.31
C ARG A 259 10.86 -3.69 2.27
N ARG A 260 9.62 -4.13 2.08
CA ARG A 260 9.36 -5.04 0.98
C ARG A 260 7.98 -4.87 0.38
N SER A 261 7.84 -5.35 -0.84
CA SER A 261 6.58 -5.32 -1.56
C SER A 261 6.06 -6.74 -1.57
N LEU A 262 4.75 -6.88 -1.59
CA LEU A 262 4.13 -8.19 -1.51
C LEU A 262 3.53 -8.50 -2.86
N VAL A 263 3.79 -9.68 -3.40
CA VAL A 263 3.12 -10.04 -4.65
C VAL A 263 2.60 -11.49 -4.61
N ASP A 264 1.43 -11.73 -5.18
CA ASP A 264 0.85 -13.07 -5.20
C ASP A 264 1.20 -13.80 -6.49
N TYR A 265 1.38 -15.11 -6.41
CA TYR A 265 1.58 -15.91 -7.61
C TYR A 265 0.76 -17.20 -7.61
N GLU A 266 0.68 -17.83 -8.77
CA GLU A 266 0.09 -19.14 -8.96
C GLU A 266 1.16 -20.14 -9.37
N VAL A 267 1.01 -21.39 -8.93
CA VAL A 267 1.90 -22.45 -9.40
C VAL A 267 1.15 -23.31 -10.39
N ASN A 268 1.88 -24.15 -11.12
CA ASN A 268 1.26 -25.05 -12.09
C ASN A 268 1.70 -26.49 -11.90
N PRO B 5 -13.00 -11.05 -2.30
CA PRO B 5 -14.04 -11.51 -1.38
C PRO B 5 -14.93 -10.37 -0.86
N ASP B 6 -14.98 -9.26 -1.60
CA ASP B 6 -15.92 -8.19 -1.28
C ASP B 6 -17.35 -8.72 -1.35
N PRO B 7 -18.17 -8.40 -0.35
CA PRO B 7 -19.55 -8.87 -0.37
C PRO B 7 -20.36 -8.21 -1.48
N ASP B 8 -21.11 -8.99 -2.25
CA ASP B 8 -21.97 -8.39 -3.27
C ASP B 8 -23.32 -8.07 -2.66
N ASP B 9 -23.36 -6.92 -1.98
CA ASP B 9 -24.51 -6.52 -1.17
C ASP B 9 -25.27 -5.31 -1.73
N GLY B 10 -24.82 -4.80 -2.87
CA GLY B 10 -25.47 -3.64 -3.47
C GLY B 10 -25.11 -2.34 -2.78
N LEU B 11 -24.08 -2.39 -1.92
CA LEU B 11 -23.64 -1.21 -1.19
C LEU B 11 -22.12 -1.07 -1.19
N THR B 12 -21.41 -2.18 -1.00
CA THR B 12 -19.96 -2.15 -0.92
C THR B 12 -19.38 -1.89 -2.30
N PHE B 13 -18.44 -0.95 -2.39
CA PHE B 13 -17.88 -0.60 -3.69
C PHE B 13 -16.38 -0.33 -3.57
N ARG B 14 -15.69 -0.47 -4.69
CA ARG B 14 -14.27 -0.15 -4.74
C ARG B 14 -14.05 1.15 -5.52
N VAL B 15 -12.94 1.83 -5.25
CA VAL B 15 -12.59 3.05 -5.98
C VAL B 15 -11.18 2.94 -6.52
N LEU B 16 -11.01 3.20 -7.80
CA LEU B 16 -9.72 3.12 -8.46
C LEU B 16 -9.31 4.48 -8.97
N SER B 17 -8.23 5.02 -8.41
CA SER B 17 -7.69 6.29 -8.89
C SER B 17 -6.53 6.09 -9.87
N MET B 18 -6.67 6.63 -11.08
CA MET B 18 -5.76 6.35 -12.17
C MET B 18 -4.88 7.54 -12.47
N HIS B 19 -3.60 7.25 -12.64
CA HIS B 19 -2.55 8.25 -12.73
C HIS B 19 -1.66 7.95 -13.94
N ASP B 20 -1.52 8.92 -14.83
CA ASP B 20 -0.67 8.74 -16.00
C ASP B 20 0.81 8.82 -15.57
N VAL B 21 1.61 7.85 -15.97
CA VAL B 21 3.01 7.80 -15.53
C VAL B 21 3.87 8.97 -16.05
N ARG B 22 3.43 9.62 -17.13
CA ARG B 22 4.19 10.72 -17.72
C ARG B 22 4.33 11.91 -16.76
N ASP B 23 3.51 11.93 -15.71
CA ASP B 23 3.56 13.00 -14.73
C ASP B 23 4.46 12.64 -13.57
N ASN B 24 5.77 12.82 -13.77
CA ASN B 24 6.78 12.44 -12.79
C ASN B 24 6.84 13.35 -11.57
N LEU B 25 5.72 13.99 -11.24
CA LEU B 25 5.68 14.90 -10.10
C LEU B 25 5.76 14.12 -8.79
N ARG B 26 6.92 14.23 -8.14
CA ARG B 26 7.16 13.57 -6.86
C ARG B 26 7.23 14.62 -5.73
N ALA B 27 6.45 14.39 -4.68
CA ALA B 27 6.45 15.29 -3.53
C ALA B 27 7.19 14.68 -2.35
N SER B 28 8.20 15.39 -1.85
CA SER B 28 9.05 14.91 -0.76
C SER B 28 8.28 14.62 0.53
N PHE B 29 7.23 15.40 0.76
CA PHE B 29 6.49 15.40 2.01
C PHE B 29 5.31 14.45 2.02
N ALA B 30 5.23 13.56 1.03
CA ALA B 30 4.09 12.67 0.90
C ALA B 30 4.49 11.20 0.86
N ASP B 31 3.87 10.39 1.70
CA ASP B 31 4.11 8.95 1.70
C ASP B 31 3.18 8.25 0.72
N MET B 32 3.15 8.78 -0.51
CA MET B 32 2.32 8.23 -1.58
C MET B 32 2.55 6.74 -1.76
N PRO B 33 1.48 5.98 -2.05
CA PRO B 33 1.55 4.53 -2.22
C PRO B 33 2.62 4.11 -3.24
N ASP B 34 3.33 3.04 -2.91
CA ASP B 34 4.45 2.57 -3.72
C ASP B 34 3.95 1.64 -4.83
N GLN B 35 4.11 2.07 -6.08
CA GLN B 35 3.66 1.30 -7.23
C GLN B 35 4.78 0.46 -7.85
N PHE B 36 5.58 -0.20 -7.00
CA PHE B 36 6.67 -1.03 -7.51
C PHE B 36 6.19 -2.42 -7.90
N ALA B 37 6.81 -2.95 -8.95
CA ALA B 37 6.53 -4.31 -9.47
C ALA B 37 5.13 -4.43 -10.08
N ILE B 38 4.27 -3.45 -9.83
CA ILE B 38 2.96 -3.39 -10.45
C ILE B 38 3.12 -2.93 -11.90
N GLU B 39 3.14 -3.88 -12.82
CA GLU B 39 3.36 -3.56 -14.23
C GLU B 39 2.32 -2.60 -14.75
N THR B 40 2.78 -1.41 -15.12
CA THR B 40 1.92 -0.42 -15.73
C THR B 40 1.35 -0.95 -17.03
N ARG B 41 0.03 -0.97 -17.14
CA ARG B 41 -0.62 -1.34 -18.39
C ARG B 41 -0.96 -0.08 -19.17
N THR B 42 -1.37 -0.22 -20.42
CA THR B 42 -1.85 0.93 -21.16
C THR B 42 -3.25 1.28 -20.65
N LEU B 43 -3.70 2.49 -20.94
CA LEU B 43 -5.02 2.90 -20.50
C LEU B 43 -6.08 2.01 -21.14
N THR B 44 -5.85 1.63 -22.39
CA THR B 44 -6.77 0.78 -23.13
C THR B 44 -6.84 -0.62 -22.52
N ASP B 45 -5.70 -1.09 -22.02
CA ASP B 45 -5.64 -2.40 -21.38
C ASP B 45 -6.38 -2.35 -20.06
N LEU B 46 -6.12 -1.31 -19.29
CA LEU B 46 -6.81 -1.08 -18.02
C LEU B 46 -8.32 -1.18 -18.17
N PHE B 47 -8.85 -0.53 -19.21
CA PHE B 47 -10.27 -0.59 -19.50
C PHE B 47 -10.73 -1.99 -19.90
N GLU B 48 -9.89 -2.73 -20.63
CA GLU B 48 -10.29 -4.08 -21.01
C GLU B 48 -10.14 -5.00 -19.81
N TRP B 49 -9.23 -4.65 -18.91
CA TRP B 49 -9.08 -5.40 -17.67
C TRP B 49 -10.33 -5.27 -16.81
N ILE B 50 -10.89 -4.07 -16.74
CA ILE B 50 -12.11 -3.83 -15.99
C ILE B 50 -13.23 -4.73 -16.53
N ARG B 51 -13.32 -4.81 -17.86
CA ARG B 51 -14.32 -5.66 -18.49
C ARG B 51 -14.11 -7.15 -18.19
N VAL B 52 -12.89 -7.64 -18.41
CA VAL B 52 -12.61 -9.06 -18.25
C VAL B 52 -12.78 -9.51 -16.80
N LYS B 53 -12.48 -8.63 -15.86
CA LYS B 53 -12.63 -8.96 -14.45
C LYS B 53 -14.08 -8.88 -13.98
N GLY B 54 -14.94 -8.28 -14.80
CA GLY B 54 -16.36 -8.24 -14.52
C GLY B 54 -16.84 -7.06 -13.68
N PHE B 55 -16.01 -6.03 -13.57
CA PHE B 55 -16.39 -4.88 -12.76
C PHE B 55 -17.41 -4.04 -13.50
N ASN B 56 -18.25 -3.35 -12.73
CA ASN B 56 -19.22 -2.42 -13.28
C ASN B 56 -18.98 -1.00 -12.78
N PRO B 57 -18.43 -0.13 -13.65
CA PRO B 57 -18.20 1.26 -13.27
C PRO B 57 -19.49 1.96 -12.88
N ILE B 58 -19.46 2.65 -11.75
CA ILE B 58 -20.62 3.37 -11.24
C ILE B 58 -20.34 4.85 -11.08
N SER B 59 -21.41 5.62 -10.86
CA SER B 59 -21.31 7.05 -10.67
C SER B 59 -21.41 7.40 -9.20
N MET B 60 -20.96 8.61 -8.86
CA MET B 60 -21.12 9.12 -7.51
C MET B 60 -22.59 9.15 -7.12
N GLN B 61 -23.44 9.53 -8.08
CA GLN B 61 -24.87 9.59 -7.82
C GLN B 61 -25.42 8.22 -7.44
N GLN B 62 -24.93 7.16 -8.07
CA GLN B 62 -25.37 5.82 -7.72
C GLN B 62 -24.96 5.46 -6.30
N ILE B 63 -23.78 5.90 -5.90
CA ILE B 63 -23.33 5.65 -4.53
C ILE B 63 -24.25 6.33 -3.53
N ILE B 64 -24.50 7.62 -3.73
CA ILE B 64 -25.43 8.34 -2.89
C ILE B 64 -26.79 7.64 -2.93
N ASP B 65 -27.24 7.30 -4.14
CA ASP B 65 -28.52 6.59 -4.33
C ASP B 65 -28.61 5.32 -3.49
N SER B 66 -27.53 4.54 -3.45
CA SER B 66 -27.54 3.30 -2.69
C SER B 66 -27.65 3.57 -1.19
N ARG B 67 -26.87 4.54 -0.70
CA ARG B 67 -26.83 4.85 0.73
C ARG B 67 -28.16 5.42 1.23
N ALA B 68 -28.93 6.02 0.34
CA ALA B 68 -30.23 6.57 0.67
C ALA B 68 -31.31 5.53 0.49
N GLY B 69 -30.90 4.32 0.10
CA GLY B 69 -31.82 3.20 -0.02
C GLY B 69 -32.76 3.31 -1.20
N VAL B 70 -32.39 4.15 -2.16
CA VAL B 70 -33.22 4.33 -3.36
C VAL B 70 -33.09 3.13 -4.29
N ARG B 71 -31.86 2.75 -4.60
CA ARG B 71 -31.57 1.74 -5.60
C ARG B 71 -30.18 1.15 -5.35
N PRO B 72 -30.07 -0.19 -5.32
CA PRO B 72 -28.79 -0.86 -5.06
C PRO B 72 -27.78 -0.73 -6.21
N LEU B 73 -26.51 -0.98 -5.88
CA LEU B 73 -25.45 -0.96 -6.87
C LEU B 73 -25.42 -2.26 -7.67
N PRO B 74 -24.91 -2.20 -8.91
CA PRO B 74 -24.62 -3.40 -9.70
C PRO B 74 -23.58 -4.27 -9.01
N PRO B 75 -23.48 -5.54 -9.42
CA PRO B 75 -22.42 -6.40 -8.84
C PRO B 75 -21.03 -5.85 -9.16
N ARG B 76 -20.05 -6.21 -8.33
CA ARG B 76 -18.67 -5.73 -8.46
C ARG B 76 -18.56 -4.27 -8.88
N PRO B 77 -19.16 -3.36 -8.11
CA PRO B 77 -19.20 -1.98 -8.54
C PRO B 77 -17.89 -1.25 -8.28
N ILE B 78 -17.51 -0.38 -9.20
CA ILE B 78 -16.25 0.32 -9.04
C ILE B 78 -16.37 1.76 -9.51
N LEU B 79 -15.73 2.66 -8.77
CA LEU B 79 -15.78 4.09 -9.10
C LEU B 79 -14.43 4.52 -9.65
N LEU B 80 -14.42 5.04 -10.87
CA LEU B 80 -13.15 5.40 -11.50
C LEU B 80 -12.89 6.87 -11.28
N THR B 81 -11.67 7.21 -10.85
CA THR B 81 -11.37 8.63 -10.66
C THR B 81 -10.06 9.01 -11.32
N PHE B 82 -10.00 10.26 -11.78
CA PHE B 82 -8.84 10.81 -12.48
C PHE B 82 -8.60 12.19 -11.93
N ASP B 83 -7.57 12.36 -11.12
CA ASP B 83 -7.35 13.66 -10.48
C ASP B 83 -6.25 14.45 -11.18
N ASP B 84 -6.27 15.76 -10.94
CA ASP B 84 -5.24 16.77 -11.28
C ASP B 84 -5.60 17.61 -12.53
N GLY B 85 -6.51 17.15 -13.36
CA GLY B 85 -7.04 17.97 -14.43
C GLY B 85 -6.16 18.14 -15.67
N TYR B 86 -5.24 17.21 -15.89
CA TYR B 86 -4.38 17.26 -17.07
C TYR B 86 -5.14 17.10 -18.38
N ALA B 87 -4.62 17.70 -19.43
CA ALA B 87 -5.27 17.72 -20.74
C ALA B 87 -5.55 16.30 -21.24
N SER B 88 -4.68 15.35 -20.90
CA SER B 88 -4.80 13.99 -21.38
C SER B 88 -6.08 13.31 -20.86
N THR B 89 -6.67 13.87 -19.82
CA THR B 89 -7.93 13.38 -19.32
C THR B 89 -9.04 13.64 -20.35
N TYR B 90 -8.94 14.75 -21.08
CA TYR B 90 -9.95 15.09 -22.09
C TYR B 90 -9.65 14.41 -23.42
N THR B 91 -8.39 14.40 -23.82
CA THR B 91 -8.06 13.91 -25.15
C THR B 91 -7.93 12.39 -25.22
N LYS B 92 -7.52 11.78 -24.11
CA LYS B 92 -7.25 10.34 -24.12
C LYS B 92 -8.28 9.55 -23.32
N VAL B 93 -8.57 10.03 -22.11
CA VAL B 93 -9.44 9.28 -21.20
C VAL B 93 -10.89 9.41 -21.59
N PHE B 94 -11.34 10.65 -21.77
CA PHE B 94 -12.74 10.94 -22.08
C PHE B 94 -13.34 10.18 -23.28
N PRO B 95 -12.62 10.10 -24.42
CA PRO B 95 -13.18 9.30 -25.52
C PRO B 95 -13.48 7.85 -25.15
N LEU B 96 -12.64 7.25 -24.30
CA LEU B 96 -12.82 5.86 -23.89
C LEU B 96 -14.01 5.71 -22.93
N LEU B 97 -14.13 6.63 -21.98
CA LEU B 97 -15.27 6.66 -21.08
C LEU B 97 -16.56 6.70 -21.86
N ALA B 98 -16.59 7.58 -22.86
CA ALA B 98 -17.74 7.72 -23.74
C ALA B 98 -18.00 6.45 -24.56
N ALA B 99 -16.93 5.80 -24.99
CA ALA B 99 -17.07 4.59 -25.82
C ALA B 99 -17.54 3.40 -24.99
N PHE B 100 -17.00 3.26 -23.78
CA PHE B 100 -17.40 2.16 -22.88
C PHE B 100 -18.65 2.52 -22.07
N ASN B 101 -19.10 3.77 -22.16
CA ASN B 101 -20.23 4.28 -21.38
C ASN B 101 -19.99 4.13 -19.87
N TYR B 102 -18.76 4.44 -19.44
CA TYR B 102 -18.37 4.37 -18.04
C TYR B 102 -18.38 5.76 -17.41
N PRO B 103 -19.03 5.89 -16.25
CA PRO B 103 -18.92 7.14 -15.49
C PRO B 103 -17.54 7.26 -14.87
N ALA B 104 -17.22 8.46 -14.38
CA ALA B 104 -15.99 8.68 -13.67
C ALA B 104 -16.06 9.98 -12.89
N VAL B 105 -15.08 10.15 -12.00
CA VAL B 105 -14.95 11.36 -11.23
C VAL B 105 -13.68 12.04 -11.70
N VAL B 106 -13.77 13.34 -11.94
CA VAL B 106 -12.59 14.12 -12.31
C VAL B 106 -12.41 15.25 -11.31
N ALA B 107 -11.28 15.28 -10.63
CA ALA B 107 -11.09 16.24 -9.55
C ALA B 107 -10.07 17.29 -9.99
N VAL B 108 -10.46 18.55 -9.85
CA VAL B 108 -9.71 19.65 -10.44
C VAL B 108 -9.01 20.45 -9.35
N VAL B 109 -7.71 20.71 -9.52
CA VAL B 109 -7.01 21.70 -8.72
C VAL B 109 -7.28 23.06 -9.32
N THR B 110 -8.11 23.87 -8.67
CA THR B 110 -8.61 25.03 -9.39
C THR B 110 -7.61 26.17 -9.56
N SER B 111 -6.54 26.25 -8.75
CA SER B 111 -5.55 27.28 -9.00
C SER B 111 -4.65 26.91 -10.20
N TRP B 112 -4.67 25.64 -10.60
CA TRP B 112 -3.98 25.21 -11.82
C TRP B 112 -4.88 25.47 -13.03
N THR B 113 -6.07 24.90 -13.00
CA THR B 113 -7.01 25.06 -14.12
C THR B 113 -7.39 26.50 -14.37
N ASP B 114 -7.51 27.28 -13.31
CA ASP B 114 -7.89 28.68 -13.42
C ASP B 114 -6.71 29.66 -13.43
N ALA B 115 -5.51 29.17 -13.69
CA ALA B 115 -4.32 30.02 -13.72
C ALA B 115 -4.47 31.11 -14.79
N PRO B 116 -4.00 32.33 -14.49
CA PRO B 116 -4.11 33.46 -15.43
C PRO B 116 -3.54 33.09 -16.80
N ALA B 117 -4.20 33.52 -17.85
CA ALA B 117 -3.78 33.22 -19.21
C ALA B 117 -2.38 33.72 -19.50
N GLY B 118 -1.64 32.93 -20.29
CA GLY B 118 -0.32 33.32 -20.75
C GLY B 118 0.78 33.08 -19.72
N THR B 119 0.38 32.68 -18.53
CA THR B 119 1.34 32.39 -17.46
C THR B 119 1.63 30.90 -17.41
N LYS B 120 2.80 30.55 -16.93
CA LYS B 120 3.07 29.16 -16.67
C LYS B 120 2.61 28.85 -15.25
N ILE B 121 2.38 27.58 -15.00
CA ILE B 121 1.81 27.14 -13.74
C ILE B 121 2.86 26.48 -12.86
N ARG B 122 3.09 27.04 -11.69
CA ARG B 122 4.09 26.48 -10.78
C ARG B 122 3.47 25.36 -9.94
N LEU B 123 3.94 24.14 -10.16
CA LEU B 123 3.41 22.96 -9.49
C LEU B 123 4.18 22.66 -8.21
N SER B 124 5.44 23.10 -8.18
CA SER B 124 6.32 22.91 -7.03
C SER B 124 7.34 24.04 -7.07
N PRO B 125 8.13 24.24 -6.00
CA PRO B 125 9.16 25.28 -6.06
C PRO B 125 10.13 25.10 -7.23
N LYS B 126 10.26 23.86 -7.70
CA LYS B 126 11.19 23.53 -8.78
C LYS B 126 10.54 23.54 -10.17
N ILE B 127 9.24 23.27 -10.24
CA ILE B 127 8.60 22.90 -11.49
C ILE B 127 7.43 23.77 -11.95
N GLU B 128 7.51 24.30 -13.16
CA GLU B 128 6.37 24.94 -13.79
C GLU B 128 6.09 24.36 -15.17
N VAL B 129 4.83 24.39 -15.58
CA VAL B 129 4.42 23.81 -16.85
C VAL B 129 3.55 24.79 -17.64
N PRO B 130 3.50 24.64 -18.98
CA PRO B 130 2.67 25.55 -19.76
C PRO B 130 1.20 25.40 -19.43
N HIS B 131 0.44 26.49 -19.56
CA HIS B 131 -1.00 26.48 -19.32
C HIS B 131 -1.68 25.31 -20.03
N ASP B 132 -1.21 25.03 -21.24
CA ASP B 132 -1.80 24.04 -22.11
C ASP B 132 -1.73 22.59 -21.62
N PHE B 133 -0.95 22.34 -20.56
CA PHE B 133 -0.90 20.99 -19.98
C PHE B 133 -2.21 20.60 -19.32
N PHE B 134 -3.04 21.58 -18.99
CA PHE B 134 -4.27 21.33 -18.27
C PHE B 134 -5.48 21.49 -19.19
N MET B 135 -6.50 20.67 -18.93
CA MET B 135 -7.81 20.86 -19.52
C MET B 135 -8.34 22.28 -19.34
N THR B 136 -9.01 22.81 -20.35
CA THR B 136 -9.66 24.10 -20.23
C THR B 136 -11.00 23.97 -19.49
N TRP B 137 -11.53 25.08 -19.01
CA TRP B 137 -12.84 25.04 -18.38
C TRP B 137 -13.91 24.55 -19.38
N ALA B 138 -13.74 24.87 -20.66
CA ALA B 138 -14.73 24.48 -21.67
C ALA B 138 -14.74 22.97 -21.83
N GLN B 139 -13.57 22.35 -21.70
CA GLN B 139 -13.48 20.89 -21.82
C GLN B 139 -14.06 20.18 -20.59
N LEU B 140 -13.84 20.76 -19.42
CA LEU B 140 -14.40 20.23 -18.19
C LEU B 140 -15.92 20.31 -18.24
N ARG B 141 -16.43 21.42 -18.78
CA ARG B 141 -17.87 21.62 -18.88
C ARG B 141 -18.49 20.60 -19.83
N GLU B 142 -17.81 20.33 -20.93
CA GLU B 142 -18.28 19.34 -21.90
C GLU B 142 -18.43 17.96 -21.25
N MET B 143 -17.40 17.55 -20.49
CA MET B 143 -17.40 16.26 -19.82
C MET B 143 -18.54 16.15 -18.82
N ALA B 144 -18.75 17.21 -18.06
CA ALA B 144 -19.87 17.24 -17.11
C ALA B 144 -21.22 17.14 -17.84
N GLN B 145 -21.35 17.89 -18.92
CA GLN B 145 -22.62 17.92 -19.64
C GLN B 145 -22.91 16.61 -20.34
N SER B 146 -21.89 15.80 -20.56
CA SER B 146 -22.09 14.48 -21.15
C SER B 146 -22.88 13.59 -20.20
N GLY B 147 -22.92 13.97 -18.92
CA GLY B 147 -23.59 13.17 -17.91
C GLY B 147 -22.73 12.03 -17.39
N LEU B 148 -21.58 11.81 -18.01
CA LEU B 148 -20.70 10.71 -17.61
C LEU B 148 -19.73 11.10 -16.49
N VAL B 149 -19.38 12.36 -16.43
CA VAL B 149 -18.32 12.77 -15.51
C VAL B 149 -18.89 13.64 -14.39
N GLU B 150 -18.52 13.30 -13.16
CA GLU B 150 -18.80 14.12 -11.99
C GLU B 150 -17.56 14.95 -11.63
N LEU B 151 -17.67 16.28 -11.65
CA LEU B 151 -16.52 17.11 -11.24
C LEU B 151 -16.44 17.13 -9.72
N ALA B 152 -15.21 17.09 -9.20
CA ALA B 152 -14.94 17.19 -7.76
C ALA B 152 -13.83 18.23 -7.54
N SER B 153 -13.73 18.73 -6.31
CA SER B 153 -12.58 19.56 -5.96
C SER B 153 -11.37 18.69 -5.64
N HIS B 154 -10.20 19.16 -6.07
CA HIS B 154 -8.94 18.59 -5.65
C HIS B 154 -8.22 19.74 -4.94
N SER B 155 -9.03 20.63 -4.34
CA SER B 155 -8.64 21.87 -3.63
C SER B 155 -8.36 23.01 -4.60
N HIS B 156 -8.28 24.22 -4.09
CA HIS B 156 -7.84 25.34 -4.91
C HIS B 156 -6.31 25.39 -4.96
N ASN B 157 -5.67 25.45 -3.79
CA ASN B 157 -4.20 25.57 -3.74
C ASN B 157 -3.62 24.79 -2.55
N LEU B 158 -4.15 23.59 -2.32
CA LEU B 158 -3.63 22.72 -1.25
C LEU B 158 -2.88 21.53 -1.81
N HIS B 159 -2.62 21.55 -3.11
CA HIS B 159 -1.86 20.47 -3.74
C HIS B 159 -0.38 20.83 -3.74
N ARG B 160 0.17 21.08 -2.56
CA ARG B 160 1.54 21.56 -2.41
C ARG B 160 1.94 21.40 -0.94
N GLY B 161 3.23 21.57 -0.65
CA GLY B 161 3.67 21.57 0.73
C GLY B 161 3.59 22.95 1.38
N VAL B 162 3.48 22.97 2.70
CA VAL B 162 3.69 24.20 3.48
C VAL B 162 4.83 23.95 4.46
N LEU B 163 5.44 25.04 4.92
CA LEU B 163 6.44 24.98 5.96
C LEU B 163 5.85 24.47 7.27
N ALA B 164 6.47 23.42 7.82
CA ALA B 164 5.96 22.76 9.00
C ALA B 164 6.70 23.16 10.27
N ASN B 165 7.93 23.64 10.12
CA ASN B 165 8.75 24.02 11.26
C ASN B 165 9.82 25.03 10.85
N PRO B 166 10.53 25.62 11.84
CA PRO B 166 11.56 26.60 11.49
C PRO B 166 12.71 26.05 10.67
N GLN B 167 12.93 24.73 10.66
CA GLN B 167 14.09 24.19 9.95
C GLN B 167 13.83 24.10 8.46
N GLY B 168 12.57 24.26 8.07
CA GLY B 168 12.23 24.28 6.66
C GLY B 168 11.60 23.01 6.14
N ASN B 169 11.31 22.06 7.01
CA ASN B 169 10.64 20.84 6.56
C ASN B 169 9.18 21.08 6.12
N GLU B 170 8.76 20.39 5.07
CA GLU B 170 7.42 20.59 4.51
C GLU B 170 6.43 19.48 4.90
N GLN B 171 5.16 19.82 4.88
CA GLN B 171 4.05 18.89 5.12
C GLN B 171 2.95 19.32 4.17
N PRO B 172 2.02 18.40 3.83
CA PRO B 172 0.90 18.78 2.96
C PRO B 172 0.15 19.99 3.47
N ALA B 173 -0.26 20.86 2.56
CA ALA B 173 -0.86 22.12 2.94
C ALA B 173 -2.15 21.95 3.74
N ALA B 174 -2.91 20.90 3.46
CA ALA B 174 -4.24 20.77 4.10
C ALA B 174 -4.17 20.22 5.52
N SER B 175 -3.16 19.42 5.81
CA SER B 175 -3.14 18.61 7.03
C SER B 175 -2.36 19.25 8.19
N SER B 176 -1.78 20.41 7.94
CA SER B 176 -0.77 20.94 8.83
C SER B 176 -1.07 22.39 9.19
N ARG B 177 -0.96 22.75 10.47
CA ARG B 177 -0.89 24.16 10.83
C ARG B 177 0.48 24.63 10.33
N GLN B 178 0.53 25.69 9.54
CA GLN B 178 1.81 26.01 8.97
C GLN B 178 2.64 26.91 9.89
N TYR B 179 3.96 26.77 9.76
CA TYR B 179 4.87 27.71 10.39
C TYR B 179 4.89 28.98 9.55
N LEU B 180 4.71 30.12 10.20
CA LEU B 180 4.67 31.42 9.53
C LEU B 180 5.99 32.15 9.71
N PRO B 181 6.93 31.99 8.77
CA PRO B 181 8.30 32.47 8.99
C PRO B 181 8.39 33.99 9.18
N ALA B 182 7.42 34.75 8.67
CA ALA B 182 7.51 36.21 8.81
C ALA B 182 7.16 36.66 10.23
N SER B 183 6.45 35.83 10.98
CA SER B 183 6.15 36.16 12.38
C SER B 183 6.85 35.25 13.40
N GLY B 184 7.43 34.15 12.93
CA GLY B 184 8.13 33.25 13.82
C GLY B 184 7.22 32.41 14.69
N ARG B 185 6.00 32.18 14.22
CA ARG B 185 5.01 31.43 14.99
C ARG B 185 4.21 30.51 14.08
N TYR B 186 3.42 29.62 14.69
CA TYR B 186 2.54 28.74 13.94
C TYR B 186 1.14 29.35 13.83
N GLU B 187 0.45 29.05 12.73
CA GLU B 187 -0.99 29.31 12.63
C GLU B 187 -1.73 28.78 13.84
N ASN B 188 -2.63 29.57 14.43
CA ASN B 188 -3.49 29.01 15.46
C ASN B 188 -4.62 28.24 14.80
N ASP B 189 -5.47 27.61 15.59
CA ASP B 189 -6.47 26.69 15.03
C ASP B 189 -7.48 27.40 14.13
N ALA B 190 -7.85 28.63 14.47
CA ALA B 190 -8.83 29.40 13.71
C ALA B 190 -8.26 29.85 12.36
N GLU B 191 -7.02 30.35 12.36
CA GLU B 191 -6.35 30.72 11.12
C GLU B 191 -6.21 29.52 10.18
N TYR B 192 -5.84 28.38 10.76
CA TYR B 192 -5.68 27.15 9.99
C TYR B 192 -7.01 26.76 9.35
N ARG B 193 -8.04 26.69 10.17
CA ARG B 193 -9.37 26.33 9.68
C ARG B 193 -9.85 27.35 8.62
N ALA B 194 -9.62 28.63 8.84
CA ALA B 194 -10.01 29.66 7.87
C ALA B 194 -9.31 29.50 6.52
N ARG B 195 -8.02 29.14 6.56
CA ARG B 195 -7.24 28.93 5.34
C ARG B 195 -7.80 27.77 4.53
N VAL B 196 -8.10 26.65 5.19
CA VAL B 196 -8.64 25.50 4.46
C VAL B 196 -10.04 25.82 3.95
N ARG B 197 -10.83 26.50 4.78
CA ARG B 197 -12.20 26.83 4.42
C ARG B 197 -12.29 27.72 3.19
N GLN B 198 -11.51 28.81 3.20
CA GLN B 198 -11.45 29.69 2.06
C GLN B 198 -10.98 28.94 0.82
N ASP B 199 -9.98 28.07 0.97
CA ASP B 199 -9.51 27.29 -0.18
C ASP B 199 -10.63 26.43 -0.79
N LEU B 200 -11.33 25.65 0.04
CA LEU B 200 -12.40 24.82 -0.49
C LEU B 200 -13.54 25.63 -1.11
N LYS B 201 -13.95 26.72 -0.44
CA LYS B 201 -14.98 27.60 -0.97
C LYS B 201 -14.59 28.15 -2.34
N THR B 202 -13.35 28.59 -2.45
CA THR B 202 -12.87 29.13 -3.72
C THR B 202 -12.91 28.08 -4.83
N SER B 203 -12.43 26.86 -4.55
CA SER B 203 -12.48 25.84 -5.59
C SER B 203 -13.95 25.57 -5.99
N ALA B 204 -14.85 25.54 -5.01
CA ALA B 204 -16.26 25.26 -5.34
C ALA B 204 -16.88 26.39 -6.16
N HIS B 205 -16.58 27.63 -5.77
CA HIS B 205 -17.09 28.77 -6.52
C HIS B 205 -16.58 28.82 -7.96
N LEU B 206 -15.30 28.54 -8.14
CA LEU B 206 -14.73 28.57 -9.48
C LEU B 206 -15.28 27.46 -10.38
N ILE B 207 -15.52 26.28 -9.82
CA ILE B 207 -16.06 25.21 -10.65
C ILE B 207 -17.52 25.53 -11.07
N ARG B 208 -18.30 26.05 -10.12
CA ARG B 208 -19.67 26.46 -10.44
C ARG B 208 -19.75 27.57 -11.49
N HIS B 209 -18.92 28.61 -11.31
CA HIS B 209 -18.94 29.75 -12.21
C HIS B 209 -18.63 29.36 -13.64
N HIS B 210 -17.68 28.45 -13.80
CA HIS B 210 -17.17 28.10 -15.13
C HIS B 210 -17.82 26.90 -15.81
N THR B 211 -18.47 26.03 -15.04
CA THR B 211 -19.04 24.82 -15.63
C THR B 211 -20.52 24.62 -15.29
N GLY B 212 -21.05 25.39 -14.35
CA GLY B 212 -22.44 25.22 -13.90
C GLY B 212 -22.65 24.11 -12.87
N VAL B 213 -21.56 23.46 -12.49
CA VAL B 213 -21.62 22.32 -11.56
C VAL B 213 -21.41 22.78 -10.12
N THR B 214 -22.36 22.40 -9.27
CA THR B 214 -22.20 22.56 -7.83
C THR B 214 -21.61 21.26 -7.26
N ILE B 215 -20.34 21.31 -6.85
CA ILE B 215 -19.69 20.09 -6.43
C ILE B 215 -20.17 19.65 -5.04
N ARG B 216 -20.01 18.36 -4.75
CA ARG B 216 -20.36 17.85 -3.43
C ARG B 216 -19.25 16.98 -2.83
N SER B 217 -18.09 16.95 -3.49
CA SER B 217 -17.05 16.05 -3.02
C SER B 217 -15.66 16.70 -3.09
N ILE B 218 -14.75 16.26 -2.24
CA ILE B 218 -13.35 16.70 -2.21
C ILE B 218 -12.45 15.48 -2.30
N VAL B 219 -11.50 15.51 -3.23
CA VAL B 219 -10.44 14.53 -3.29
C VAL B 219 -9.23 15.19 -2.63
N TRP B 220 -8.80 14.70 -1.47
CA TRP B 220 -7.76 15.38 -0.72
C TRP B 220 -6.40 15.16 -1.35
N PRO B 221 -5.69 16.25 -1.67
CA PRO B 221 -4.33 16.06 -2.18
C PRO B 221 -3.50 15.24 -1.22
N TYR B 222 -2.73 14.31 -1.77
CA TYR B 222 -1.85 13.43 -1.00
C TYR B 222 -2.60 12.56 0.02
N GLY B 223 -3.92 12.52 -0.07
CA GLY B 223 -4.73 11.77 0.87
C GLY B 223 -4.69 12.42 2.25
N ALA B 224 -4.22 13.66 2.30
CA ALA B 224 -3.97 14.32 3.58
C ALA B 224 -5.20 15.01 4.11
N HIS B 225 -5.72 14.53 5.23
CA HIS B 225 -6.88 15.17 5.82
C HIS B 225 -6.99 14.77 7.28
N ASN B 226 -7.79 15.49 8.04
CA ASN B 226 -7.96 15.13 9.44
C ASN B 226 -9.32 15.57 9.92
N ARG B 227 -9.52 15.52 11.22
CA ARG B 227 -10.81 15.87 11.83
C ARG B 227 -11.21 17.30 11.55
N ASP B 228 -10.21 18.19 11.60
CA ASP B 228 -10.41 19.61 11.27
C ASP B 228 -10.80 19.83 9.78
N THR B 229 -10.08 19.21 8.85
CA THR B 229 -10.40 19.46 7.46
C THR B 229 -11.77 18.88 7.10
N ASP B 230 -12.13 17.76 7.71
CA ASP B 230 -13.42 17.12 7.42
C ASP B 230 -14.55 17.98 7.98
N GLN B 231 -14.33 18.54 9.16
CA GLN B 231 -15.31 19.47 9.72
C GLN B 231 -15.49 20.70 8.82
N VAL B 232 -14.38 21.29 8.36
CA VAL B 232 -14.44 22.44 7.49
C VAL B 232 -15.10 22.12 6.13
N ALA B 233 -14.74 21.00 5.54
CA ALA B 233 -15.39 20.54 4.31
C ALA B 233 -16.91 20.39 4.46
N ALA B 234 -17.35 19.83 5.59
CA ALA B 234 -18.78 19.69 5.85
C ALA B 234 -19.45 21.07 5.86
N GLU B 235 -18.79 22.04 6.49
CA GLU B 235 -19.28 23.42 6.51
C GLU B 235 -19.54 23.98 5.12
N VAL B 236 -18.68 23.64 4.16
CA VAL B 236 -18.83 24.25 2.83
C VAL B 236 -19.69 23.40 1.90
N GLY B 237 -20.25 22.31 2.42
CA GLY B 237 -21.14 21.48 1.62
C GLY B 237 -20.47 20.33 0.88
N LEU B 238 -19.23 20.02 1.23
CA LEU B 238 -18.54 18.91 0.60
C LEU B 238 -18.54 17.72 1.55
N ASN B 239 -19.65 17.00 1.60
CA ASN B 239 -19.84 15.90 2.54
C ASN B 239 -19.37 14.55 2.02
N ILE B 240 -18.79 14.55 0.84
CA ILE B 240 -18.17 13.36 0.31
C ILE B 240 -16.66 13.60 0.24
N GLY B 241 -15.87 12.77 0.89
CA GLY B 241 -14.42 12.94 0.83
C GLY B 241 -13.72 11.66 0.40
N LEU B 242 -12.69 11.78 -0.45
CA LEU B 242 -11.95 10.63 -0.93
C LEU B 242 -10.51 10.71 -0.41
N THR B 243 -10.07 9.64 0.22
CA THR B 243 -8.78 9.56 0.89
C THR B 243 -7.84 8.69 0.06
N LEU B 244 -6.67 8.37 0.62
CA LEU B 244 -5.78 7.40 -0.03
C LEU B 244 -5.65 6.13 0.78
N GLN B 245 -6.57 5.89 1.71
CA GLN B 245 -6.55 4.62 2.43
C GLN B 245 -7.15 3.52 1.53
N PRO B 246 -6.39 2.45 1.28
CA PRO B 246 -6.91 1.30 0.52
C PRO B 246 -8.05 0.58 1.24
N GLY B 247 -8.82 -0.21 0.49
CA GLY B 247 -9.81 -1.08 1.10
C GLY B 247 -11.20 -1.00 0.49
N PRO B 248 -12.05 -1.98 0.85
CA PRO B 248 -13.45 -1.98 0.43
C PRO B 248 -14.25 -0.90 1.13
N ASN B 249 -15.14 -0.23 0.40
CA ASN B 249 -16.05 0.73 1.00
C ASN B 249 -17.33 0.03 1.43
N THR B 250 -17.25 -0.56 2.62
CA THR B 250 -18.36 -1.28 3.21
C THR B 250 -19.36 -0.29 3.81
N PRO B 251 -20.57 -0.76 4.16
CA PRO B 251 -21.59 0.22 4.56
C PRO B 251 -21.27 0.97 5.86
N ASP B 252 -20.35 0.46 6.66
CA ASP B 252 -19.96 1.18 7.87
C ASP B 252 -19.01 2.35 7.56
N VAL B 253 -18.45 2.37 6.35
CA VAL B 253 -17.54 3.45 5.97
C VAL B 253 -18.30 4.71 5.55
N ALA B 254 -18.08 5.80 6.27
CA ALA B 254 -18.73 7.07 5.95
C ALA B 254 -18.26 7.59 4.59
N LEU B 255 -19.16 8.27 3.87
CA LEU B 255 -18.81 8.81 2.55
C LEU B 255 -17.78 9.92 2.67
N THR B 256 -17.54 10.42 3.88
CA THR B 256 -16.50 11.39 4.13
C THR B 256 -15.11 10.74 4.16
N GLN B 257 -15.07 9.42 4.11
CA GLN B 257 -13.84 8.65 4.32
C GLN B 257 -13.66 7.56 3.26
N ILE B 258 -14.01 7.87 2.02
CA ILE B 258 -14.01 6.86 0.98
C ILE B 258 -12.57 6.38 0.71
N ARG B 259 -12.47 5.06 0.61
CA ARG B 259 -11.21 4.39 0.37
C ARG B 259 -10.93 4.20 -1.11
N ARG B 260 -9.68 4.36 -1.52
CA ARG B 260 -9.30 4.06 -2.90
C ARG B 260 -7.90 3.48 -3.07
N SER B 261 -7.71 2.77 -4.19
CA SER B 261 -6.41 2.28 -4.63
C SER B 261 -5.90 3.15 -5.78
N LEU B 262 -4.59 3.35 -5.82
CA LEU B 262 -3.96 4.11 -6.89
C LEU B 262 -3.31 3.18 -7.91
N VAL B 263 -3.56 3.42 -9.19
CA VAL B 263 -2.89 2.63 -10.21
C VAL B 263 -2.35 3.55 -11.32
N ASP B 264 -1.16 3.23 -11.83
CA ASP B 264 -0.59 4.01 -12.92
C ASP B 264 -0.91 3.39 -14.27
N TYR B 265 -1.05 4.22 -15.30
CA TYR B 265 -1.23 3.73 -16.67
C TYR B 265 -0.31 4.47 -17.65
N GLU B 266 -0.12 3.87 -18.83
CA GLU B 266 0.67 4.45 -19.91
C GLU B 266 -0.19 4.82 -21.12
N VAL B 267 0.17 5.91 -21.78
CA VAL B 267 -0.45 6.28 -23.05
C VAL B 267 0.63 6.50 -24.11
N ASN B 268 0.75 5.57 -25.05
CA ASN B 268 1.85 5.58 -26.00
C ASN B 268 1.50 6.19 -27.36
#